data_2YMS
#
_entry.id   2YMS
#
_cell.length_a   88.570
_cell.length_b   83.450
_cell.length_c   57.370
_cell.angle_alpha   90.00
_cell.angle_beta   118.94
_cell.angle_gamma   90.00
#
_symmetry.space_group_name_H-M   'C 1 2 1'
#
loop_
_entity.id
_entity.type
_entity.pdbx_description
1 polymer 'OUTER MEMBRANE PROTEIN ASSEMBLY FACTOR BAMB'
2 polymer 'OUTER MEMBRANE PROTEIN ASSEMBLY FACTOR BAMB'
3 polymer 'OUTER MEMBRANE PROTEIN ASSEMBLY FACTOR BAMB'
4 polymer 'OUTER MEMBRANE PROTEIN ASSEMBLY FACTOR BAMB'
5 non-polymer 'SODIUM ION'
6 water water
#
loop_
_entity_poly.entity_id
_entity_poly.type
_entity_poly.pdbx_seq_one_letter_code
_entity_poly.pdbx_strand_id
1 'polypeptide(L)'
;NLHPALADNVVYAADRAGLVKALNADDGKEIWSVSLAEKDGWFSKEPALLSGGVTVSGGHVYIGSEKAQVYALNTSDGTV
AWQTKVAGEALSRPVVSDGLVLIHTSNGQLQALNEADGAVKWTVNLDMPS
;
A
2 'polypeptide(L)' GGVTVSGGHVYIGSEKAQVYALNTSDGTVAWQTKVAGEALSRPVVSDGLVLIHTSNGQLQALNEADGAVKWTVN B
3 'polypeptide(L)' DTTPVVVNGVVFALAYNGNLTALDLRSGQIMWKRELGSVNDFIVDGNRIYLVDQNDRVMALTIDGGVTLWTQSDL C
4 'polypeptide(L)' VDTTPVVVNGVVFALAYNGNLTALDLRSGQIMWKRELGSVNDFIVDGNRIYLVDQNDRVMALTIDGGVTLWTQS D
#
loop_
_chem_comp.id
_chem_comp.type
_chem_comp.name
_chem_comp.formula
NA non-polymer 'SODIUM ION' 'Na 1'
#
# COMPACT_ATOMS: atom_id res chain seq x y z
N ASN A 1 4.99 -4.57 -13.86
CA ASN A 1 3.99 -5.58 -13.49
C ASN A 1 3.79 -5.68 -11.98
N LEU A 2 4.91 -5.63 -11.24
CA LEU A 2 4.85 -5.56 -9.78
C LEU A 2 5.08 -4.11 -9.36
N HIS A 3 5.01 -3.84 -8.05
CA HIS A 3 5.27 -2.48 -7.57
CA HIS A 3 5.26 -2.50 -7.52
C HIS A 3 6.77 -2.21 -7.54
N PRO A 4 7.20 -1.15 -8.24
CA PRO A 4 8.63 -0.81 -8.26
C PRO A 4 9.08 -0.24 -6.93
N ALA A 5 10.39 -0.16 -6.73
CA ALA A 5 10.94 0.39 -5.51
C ALA A 5 12.06 1.39 -5.80
N LEU A 6 12.35 2.24 -4.83
CA LEU A 6 13.41 3.22 -4.96
C LEU A 6 14.28 3.24 -3.70
N ALA A 7 15.59 3.09 -3.88
CA ALA A 7 16.54 3.16 -2.77
C ALA A 7 17.89 3.65 -3.29
N ASP A 8 18.50 4.61 -2.59
CA ASP A 8 19.80 5.17 -2.96
C ASP A 8 19.94 5.47 -4.46
N ASN A 9 18.97 6.20 -5.01
CA ASN A 9 19.03 6.65 -6.41
C ASN A 9 19.03 5.51 -7.43
N VAL A 10 18.46 4.37 -7.03
CA VAL A 10 18.27 3.25 -7.93
C VAL A 10 16.79 2.81 -7.96
N VAL A 11 16.22 2.71 -9.17
CA VAL A 11 14.87 2.18 -9.38
C VAL A 11 14.98 0.66 -9.59
N TYR A 12 14.28 -0.11 -8.75
CA TYR A 12 14.22 -1.55 -8.92
C TYR A 12 12.84 -1.93 -9.41
N ALA A 13 12.77 -2.62 -10.54
CA ALA A 13 11.48 -2.99 -11.14
C ALA A 13 11.43 -4.46 -11.56
N ALA A 14 10.27 -5.09 -11.41
CA ALA A 14 10.13 -6.50 -11.78
C ALA A 14 8.84 -6.77 -12.54
N ASP A 15 8.84 -7.81 -13.37
CA ASP A 15 7.58 -8.27 -13.96
C ASP A 15 7.22 -9.72 -13.59
N ARG A 16 6.01 -10.14 -13.93
CA ARG A 16 5.51 -11.48 -13.58
C ARG A 16 6.34 -12.61 -14.16
N ALA A 17 6.80 -12.44 -15.39
CA ALA A 17 7.61 -13.46 -16.07
C ALA A 17 8.89 -13.81 -15.30
N GLY A 18 9.38 -12.88 -14.49
CA GLY A 18 10.60 -13.13 -13.73
C GLY A 18 11.71 -12.13 -13.98
N LEU A 19 11.44 -11.14 -14.82
CA LEU A 19 12.43 -10.10 -15.13
C LEU A 19 12.55 -9.13 -13.97
N VAL A 20 13.75 -9.00 -13.42
CA VAL A 20 14.04 -8.00 -12.38
C VAL A 20 15.18 -7.14 -12.89
N LYS A 21 15.10 -5.84 -12.64
CA LYS A 21 16.14 -4.92 -13.10
C LYS A 21 16.36 -3.74 -12.17
N ALA A 22 17.56 -3.19 -12.26
CA ALA A 22 17.98 -2.06 -11.44
C ALA A 22 18.58 -1.00 -12.35
N LEU A 23 17.97 0.19 -12.26
CA LEU A 23 18.25 1.33 -13.13
C LEU A 23 18.72 2.54 -12.32
N ASN A 24 19.72 3.23 -12.85
CA ASN A 24 20.18 4.50 -12.27
C ASN A 24 19.04 5.50 -12.36
N ALA A 25 18.63 6.07 -11.21
CA ALA A 25 17.47 6.96 -11.18
C ALA A 25 17.68 8.26 -11.97
N ASP A 26 18.93 8.65 -12.17
CA ASP A 26 19.22 9.90 -12.87
C ASP A 26 19.01 9.83 -14.39
N ASP A 27 19.50 8.76 -15.02
CA ASP A 27 19.51 8.70 -16.48
C ASP A 27 18.86 7.43 -17.03
N GLY A 28 18.40 6.58 -16.13
CA GLY A 28 17.68 5.37 -16.51
C GLY A 28 18.56 4.24 -17.02
N LYS A 29 19.87 4.41 -16.92
CA LYS A 29 20.79 3.39 -17.40
C LYS A 29 20.78 2.12 -16.54
N GLU A 30 20.77 0.99 -17.23
CA GLU A 30 20.59 -0.30 -16.58
C GLU A 30 21.84 -0.67 -15.80
N ILE A 31 21.69 -0.85 -14.49
CA ILE A 31 22.82 -1.24 -13.66
C ILE A 31 22.91 -2.74 -13.73
N TRP A 32 21.78 -3.41 -13.55
CA TRP A 32 21.72 -4.84 -13.87
C TRP A 32 20.34 -5.29 -14.29
N SER A 33 20.28 -6.43 -14.98
CA SER A 33 19.03 -7.03 -15.39
C SER A 33 19.19 -8.54 -15.38
N VAL A 34 18.19 -9.22 -14.84
CA VAL A 34 18.30 -10.62 -14.48
C VAL A 34 16.92 -11.29 -14.65
N SER A 35 16.90 -12.58 -14.96
CA SER A 35 15.64 -13.31 -15.08
C SER A 35 15.50 -14.46 -14.07
N LEU A 36 14.40 -14.48 -13.33
CA LEU A 36 14.15 -15.53 -12.33
C LEU A 36 13.41 -16.75 -12.90
N ALA A 37 13.05 -16.69 -14.18
CA ALA A 37 12.72 -17.92 -14.91
C ALA A 37 14.07 -18.63 -15.13
N GLU A 38 14.09 -19.96 -15.23
CA GLU A 38 12.91 -20.82 -15.25
C GLU A 38 12.91 -21.77 -14.06
N LYS A 45 12.14 -19.69 -19.62
CA LYS A 45 11.23 -20.70 -20.14
C LYS A 45 9.93 -20.75 -19.34
N GLU A 46 9.90 -21.55 -18.28
CA GLU A 46 8.77 -21.52 -17.36
C GLU A 46 8.87 -20.31 -16.43
N PRO A 47 7.88 -19.41 -16.52
CA PRO A 47 7.87 -18.13 -15.81
C PRO A 47 7.92 -18.30 -14.28
N ALA A 48 8.43 -17.30 -13.58
CA ALA A 48 8.57 -17.40 -12.12
C ALA A 48 7.33 -16.93 -11.39
N LEU A 49 6.45 -16.21 -12.10
CA LEU A 49 5.22 -15.69 -11.52
C LEU A 49 5.48 -14.83 -10.28
N LEU A 50 6.33 -13.81 -10.43
CA LEU A 50 6.56 -12.84 -9.36
C LEU A 50 5.26 -12.06 -9.11
N SER A 51 4.98 -11.75 -7.85
CA SER A 51 3.68 -11.17 -7.48
C SER A 51 3.77 -10.25 -6.27
N GLY A 52 4.48 -10.72 -5.25
CA GLY A 52 4.70 -9.92 -4.05
C GLY A 52 6.03 -9.20 -4.11
N GLY A 53 6.00 -7.88 -4.00
CA GLY A 53 7.19 -7.07 -4.10
C GLY A 53 6.89 -5.87 -4.96
N VAL A 54 7.92 -5.08 -5.26
CA VAL A 54 9.29 -5.31 -4.81
C VAL A 54 9.59 -4.55 -3.50
N THR A 55 10.34 -5.15 -2.58
CA THR A 55 10.76 -4.43 -1.36
C THR A 55 12.28 -4.36 -1.20
N VAL A 56 12.85 -3.17 -1.03
CA VAL A 56 14.30 -3.07 -0.94
C VAL A 56 14.81 -2.76 0.47
N SER A 57 15.79 -3.54 0.94
CA SER A 57 16.38 -3.34 2.26
C SER A 57 17.66 -4.17 2.45
N GLY A 58 18.62 -3.62 3.18
CA GLY A 58 19.82 -4.34 3.59
C GLY A 58 20.66 -4.97 2.48
N GLY A 59 20.92 -4.20 1.43
CA GLY A 59 21.62 -4.72 0.27
C GLY A 59 20.83 -5.80 -0.47
N HIS A 60 19.55 -5.98 -0.11
CA HIS A 60 18.72 -7.00 -0.75
C HIS A 60 17.44 -6.44 -1.38
N VAL A 61 17.06 -7.05 -2.50
CA VAL A 61 15.77 -6.85 -3.12
C VAL A 61 14.93 -8.08 -2.81
N TYR A 62 13.82 -7.90 -2.09
CA TYR A 62 12.92 -9.01 -1.74
C TYR A 62 11.68 -9.05 -2.64
N ILE A 63 11.43 -10.24 -3.21
CA ILE A 63 10.28 -10.45 -4.12
C ILE A 63 9.61 -11.80 -3.82
N GLY A 64 8.29 -11.83 -3.70
CA GLY A 64 7.58 -13.09 -3.48
C GLY A 64 6.90 -13.56 -4.75
N SER A 65 6.60 -14.86 -4.87
CA SER A 65 5.97 -15.37 -6.09
C SER A 65 4.73 -16.24 -5.84
N GLU A 66 4.03 -16.58 -6.92
CA GLU A 66 2.82 -17.40 -6.84
C GLU A 66 3.15 -18.88 -6.64
N LYS A 67 4.42 -19.22 -6.83
CA LYS A 67 4.90 -20.58 -6.62
C LYS A 67 5.38 -20.77 -5.18
N ALA A 68 4.91 -19.89 -4.30
CA ALA A 68 5.23 -19.91 -2.88
C ALA A 68 6.74 -19.79 -2.59
N GLN A 69 7.42 -18.89 -3.32
CA GLN A 69 8.84 -18.62 -3.08
C GLN A 69 9.06 -17.18 -2.67
N VAL A 70 10.05 -16.94 -1.83
CA VAL A 70 10.53 -15.60 -1.55
C VAL A 70 12.00 -15.50 -1.96
N TYR A 71 12.31 -14.57 -2.88
CA TYR A 71 13.67 -14.33 -3.37
C TYR A 71 14.29 -13.13 -2.67
N ALA A 72 15.58 -13.25 -2.37
CA ALA A 72 16.43 -12.11 -2.01
C ALA A 72 17.55 -12.01 -3.03
N LEU A 73 17.57 -10.89 -3.77
CA LEU A 73 18.58 -10.61 -4.78
C LEU A 73 19.56 -9.57 -4.24
N ASN A 74 20.82 -9.67 -4.62
CA ASN A 74 21.79 -8.64 -4.19
C ASN A 74 21.59 -7.36 -4.98
N THR A 75 21.59 -6.21 -4.29
CA THR A 75 21.39 -4.93 -4.96
C THR A 75 22.60 -4.59 -5.83
N SER A 76 23.76 -5.09 -5.41
CA SER A 76 25.00 -4.89 -6.16
C SER A 76 24.91 -5.37 -7.61
N ASP A 77 24.52 -6.63 -7.81
CA ASP A 77 24.56 -7.22 -9.16
C ASP A 77 23.34 -8.04 -9.58
N GLY A 78 22.32 -8.13 -8.73
CA GLY A 78 21.12 -8.86 -9.09
C GLY A 78 21.19 -10.38 -8.98
N THR A 79 22.29 -10.90 -8.45
CA THR A 79 22.41 -12.34 -8.21
C THR A 79 21.53 -12.75 -7.04
N VAL A 80 21.02 -13.98 -7.09
CA VAL A 80 20.18 -14.49 -6.00
C VAL A 80 21.00 -14.76 -4.73
N ALA A 81 20.71 -14.00 -3.68
CA ALA A 81 21.39 -14.16 -2.39
C ALA A 81 20.79 -15.38 -1.69
N TRP A 82 19.47 -15.41 -1.63
CA TRP A 82 18.78 -16.59 -1.11
C TRP A 82 17.38 -16.77 -1.69
N GLN A 83 16.80 -17.94 -1.47
CA GLN A 83 15.47 -18.27 -1.99
C GLN A 83 14.81 -19.24 -1.01
N THR A 84 13.60 -18.89 -0.53
CA THR A 84 12.97 -19.63 0.55
C THR A 84 11.57 -20.11 0.18
N LYS A 85 11.29 -21.38 0.42
CA LYS A 85 9.93 -21.94 0.24
C LYS A 85 9.04 -21.48 1.38
N VAL A 86 7.98 -20.73 1.07
CA VAL A 86 7.05 -20.29 2.11
C VAL A 86 5.75 -21.10 2.08
N ALA A 87 4.84 -20.81 3.02
CA ALA A 87 3.69 -21.67 3.26
C ALA A 87 2.59 -21.64 2.20
N GLY A 88 2.54 -20.57 1.43
CA GLY A 88 1.53 -20.39 0.42
C GLY A 88 1.99 -19.30 -0.52
N GLU A 89 1.13 -18.89 -1.45
CA GLU A 89 1.51 -17.89 -2.44
C GLU A 89 1.84 -16.55 -1.77
N ALA A 90 2.96 -15.95 -2.16
CA ALA A 90 3.39 -14.67 -1.59
C ALA A 90 2.90 -13.51 -2.45
N LEU A 91 1.64 -13.13 -2.25
CA LEU A 91 1.01 -12.10 -3.07
C LEU A 91 1.18 -10.66 -2.54
N SER A 92 1.52 -10.52 -1.26
CA SER A 92 1.70 -9.19 -0.66
C SER A 92 3.14 -8.69 -0.79
N ARG A 93 3.35 -7.40 -0.58
CA ARG A 93 4.69 -6.85 -0.53
C ARG A 93 5.35 -7.33 0.76
N PRO A 94 6.58 -7.84 0.67
CA PRO A 94 7.30 -8.21 1.91
C PRO A 94 7.48 -6.96 2.76
N VAL A 95 7.44 -7.11 4.08
CA VAL A 95 7.68 -5.98 4.96
C VAL A 95 8.95 -6.25 5.75
N VAL A 96 9.90 -5.31 5.78
CA VAL A 96 11.14 -5.58 6.50
C VAL A 96 11.26 -4.78 7.81
N SER A 97 11.58 -5.47 8.91
CA SER A 97 11.74 -4.80 10.20
C SER A 97 12.63 -5.61 11.14
N ASP A 98 13.53 -4.92 11.84
CA ASP A 98 14.41 -5.57 12.81
C ASP A 98 15.14 -6.81 12.28
N GLY A 99 15.59 -6.73 11.03
CA GLY A 99 16.34 -7.82 10.44
C GLY A 99 15.46 -8.96 9.96
N LEU A 100 14.15 -8.77 9.97
CA LEU A 100 13.23 -9.82 9.56
C LEU A 100 12.41 -9.40 8.34
N VAL A 101 12.11 -10.36 7.47
CA VAL A 101 11.24 -10.16 6.32
C VAL A 101 9.92 -10.87 6.58
N LEU A 102 8.85 -10.09 6.71
CA LEU A 102 7.52 -10.60 6.97
C LEU A 102 6.75 -10.82 5.68
N ILE A 103 6.19 -12.03 5.56
CA ILE A 103 5.47 -12.51 4.38
C ILE A 103 4.10 -13.04 4.80
N HIS A 104 3.03 -12.44 4.28
CA HIS A 104 1.66 -12.91 4.50
C HIS A 104 1.25 -13.74 3.28
N THR A 105 1.08 -15.04 3.46
CA THR A 105 0.77 -15.94 2.35
C THR A 105 -0.73 -15.98 2.07
N SER A 106 -1.08 -16.32 0.83
CA SER A 106 -2.48 -16.29 0.41
C SER A 106 -3.33 -17.33 1.14
N ASN A 107 -2.69 -18.27 1.83
CA ASN A 107 -3.42 -19.25 2.63
C ASN A 107 -3.35 -18.95 4.14
N GLY A 108 -3.19 -17.68 4.48
CA GLY A 108 -3.39 -17.23 5.85
C GLY A 108 -2.22 -17.38 6.81
N GLN A 109 -1.06 -17.77 6.32
CA GLN A 109 0.12 -17.86 7.19
C GLN A 109 0.93 -16.55 7.20
N LEU A 110 1.48 -16.21 8.35
CA LEU A 110 2.36 -15.06 8.48
C LEU A 110 3.74 -15.59 8.89
N GLN A 111 4.75 -15.39 8.05
CA GLN A 111 6.08 -15.93 8.32
C GLN A 111 7.14 -14.83 8.39
N ALA A 112 8.04 -14.97 9.36
CA ALA A 112 9.18 -14.06 9.50
C ALA A 112 10.46 -14.81 9.16
N LEU A 113 11.14 -14.30 8.13
CA LEU A 113 12.32 -14.91 7.50
C LEU A 113 13.54 -14.05 7.80
N ASN A 114 14.70 -14.66 8.08
CA ASN A 114 15.90 -13.85 8.35
C ASN A 114 16.37 -13.12 7.10
N GLU A 115 16.70 -11.83 7.24
CA GLU A 115 17.27 -11.09 6.11
C GLU A 115 18.58 -11.72 5.60
N ALA A 116 19.34 -12.29 6.51
CA ALA A 116 20.69 -12.77 6.15
C ALA A 116 20.67 -14.03 5.27
N ASP A 117 19.83 -15.00 5.65
CA ASP A 117 19.85 -16.31 4.99
C ASP A 117 18.47 -16.82 4.54
N GLY A 118 17.43 -16.04 4.81
CA GLY A 118 16.07 -16.39 4.39
C GLY A 118 15.42 -17.54 5.15
N ALA A 119 16.05 -17.99 6.22
CA ALA A 119 15.50 -19.06 7.04
C ALA A 119 14.22 -18.55 7.69
N VAL A 120 13.17 -19.36 7.69
CA VAL A 120 11.94 -18.97 8.36
C VAL A 120 12.18 -19.01 9.86
N LYS A 121 12.14 -17.84 10.50
CA LYS A 121 12.36 -17.78 11.95
C LYS A 121 11.10 -18.18 12.68
N TRP A 122 9.95 -17.69 12.21
CA TRP A 122 8.68 -18.19 12.78
C TRP A 122 7.51 -18.16 11.82
N THR A 123 6.50 -18.97 12.13
CA THR A 123 5.28 -19.09 11.32
C THR A 123 4.06 -19.02 12.25
N VAL A 124 3.09 -18.17 11.91
CA VAL A 124 1.84 -18.10 12.66
C VAL A 124 0.66 -18.32 11.72
N ASN A 125 -0.30 -19.13 12.14
CA ASN A 125 -1.52 -19.30 11.39
C ASN A 125 -2.55 -18.25 11.83
N LEU A 126 -2.74 -17.22 11.00
CA LEU A 126 -3.64 -16.13 11.33
C LEU A 126 -5.10 -16.55 11.31
N ASP A 127 -5.42 -17.54 10.46
CA ASP A 127 -6.78 -18.04 10.31
C ASP A 127 -7.29 -18.75 11.56
N MET A 128 -6.39 -19.43 12.26
CA MET A 128 -6.75 -20.36 13.35
C MET A 128 -7.74 -19.76 14.36
N PRO A 129 -8.86 -20.46 14.58
CA PRO A 129 -9.92 -20.12 15.53
C PRO A 129 -9.37 -19.95 16.95
N SER A 130 -9.27 -18.70 17.41
CA SER A 130 -8.67 -18.38 18.69
C SER A 130 -8.87 -16.91 19.05
N GLY B 1 -14.21 0.02 0.33
CA GLY B 1 -14.14 0.90 1.49
C GLY B 1 -12.78 1.53 1.65
N GLY B 2 -12.38 1.75 2.91
CA GLY B 2 -11.11 2.36 3.24
C GLY B 2 -11.24 3.29 4.43
N VAL B 3 -10.25 3.26 5.32
CA VAL B 3 -10.26 4.09 6.52
C VAL B 3 -8.92 4.81 6.69
N THR B 4 -8.95 6.08 7.07
CA THR B 4 -7.69 6.79 7.37
C THR B 4 -7.89 7.67 8.59
N VAL B 5 -6.80 8.10 9.22
CA VAL B 5 -6.88 8.91 10.43
C VAL B 5 -6.00 10.14 10.35
N SER B 6 -6.56 11.31 10.66
CA SER B 6 -5.81 12.55 10.73
C SER B 6 -6.58 13.60 11.54
N GLY B 7 -5.84 14.35 12.35
CA GLY B 7 -6.37 15.49 13.08
C GLY B 7 -7.59 15.29 13.96
N GLY B 8 -7.61 14.22 14.75
CA GLY B 8 -8.73 13.97 15.64
C GLY B 8 -9.93 13.40 14.91
N HIS B 9 -9.74 13.05 13.64
CA HIS B 9 -10.81 12.45 12.84
C HIS B 9 -10.42 11.10 12.25
N VAL B 10 -11.40 10.18 12.23
CA VAL B 10 -11.34 8.97 11.43
C VAL B 10 -12.20 9.23 10.19
N TYR B 11 -11.59 9.12 9.01
CA TYR B 11 -12.32 9.29 7.75
C TYR B 11 -12.62 7.95 7.13
N ILE B 12 -13.85 7.80 6.65
CA ILE B 12 -14.22 6.60 5.93
C ILE B 12 -15.15 6.91 4.75
N GLY B 13 -14.84 6.30 3.60
CA GLY B 13 -15.69 6.42 2.43
C GLY B 13 -16.56 5.19 2.33
N SER B 14 -17.70 5.33 1.66
CA SER B 14 -18.64 4.24 1.53
C SER B 14 -19.08 4.04 0.09
N GLU B 15 -19.66 2.88 -0.18
CA GLU B 15 -20.21 2.57 -1.51
C GLU B 15 -21.43 3.44 -1.79
N LYS B 16 -22.09 3.87 -0.72
CA LYS B 16 -23.31 4.67 -0.81
C LYS B 16 -23.00 6.12 -1.16
N ALA B 17 -21.77 6.38 -1.63
CA ALA B 17 -21.33 7.71 -2.01
C ALA B 17 -21.45 8.69 -0.84
N GLN B 18 -21.16 8.18 0.35
CA GLN B 18 -21.03 9.01 1.57
C GLN B 18 -19.61 8.94 2.13
N VAL B 19 -19.13 10.08 2.63
CA VAL B 19 -17.87 10.14 3.38
C VAL B 19 -18.14 10.65 4.80
N TYR B 20 -17.65 9.91 5.80
CA TYR B 20 -17.85 10.25 7.22
C TYR B 20 -16.55 10.66 7.91
N ALA B 21 -16.67 11.66 8.80
CA ALA B 21 -15.63 12.00 9.78
C ALA B 21 -16.14 11.73 11.18
N LEU B 22 -15.54 10.74 11.84
CA LEU B 22 -15.86 10.43 13.23
C LEU B 22 -14.78 11.00 14.14
N ASN B 23 -15.11 11.29 15.39
CA ASN B 23 -14.11 11.74 16.35
C ASN B 23 -13.30 10.57 16.92
N THR B 24 -11.97 10.70 16.91
CA THR B 24 -11.09 9.62 17.40
C THR B 24 -11.35 9.28 18.87
N SER B 25 -11.81 10.26 19.64
CA SER B 25 -12.11 10.03 21.05
C SER B 25 -13.24 9.01 21.29
N ASP B 26 -14.39 9.23 20.67
CA ASP B 26 -15.59 8.46 21.02
C ASP B 26 -16.37 7.88 19.84
N GLY B 27 -15.90 8.11 18.62
CA GLY B 27 -16.58 7.58 17.45
C GLY B 27 -17.82 8.33 17.01
N THR B 28 -18.15 9.42 17.72
CA THR B 28 -19.27 10.28 17.35
C THR B 28 -19.00 10.93 16.00
N VAL B 29 -20.05 11.03 15.17
CA VAL B 29 -19.94 11.68 13.87
C VAL B 29 -19.58 13.15 13.99
N ALA B 30 -18.43 13.54 13.43
CA ALA B 30 -18.07 14.95 13.33
C ALA B 30 -18.80 15.55 12.14
N TRP B 31 -18.69 14.90 10.99
CA TRP B 31 -19.47 15.33 9.82
C TRP B 31 -19.73 14.24 8.79
N GLN B 32 -20.57 14.57 7.82
CA GLN B 32 -21.02 13.63 6.81
C GLN B 32 -21.31 14.33 5.49
N THR B 33 -20.69 13.87 4.42
CA THR B 33 -20.84 14.52 3.11
C THR B 33 -21.17 13.54 1.99
N LYS B 34 -22.17 13.87 1.17
CA LYS B 34 -22.42 13.08 -0.04
C LYS B 34 -21.41 13.47 -1.13
N VAL B 35 -20.74 12.47 -1.70
CA VAL B 35 -19.75 12.71 -2.75
C VAL B 35 -20.26 12.34 -4.14
N ALA B 36 -19.41 12.52 -5.15
CA ALA B 36 -19.85 12.40 -6.54
C ALA B 36 -20.08 10.97 -7.01
N GLY B 37 -19.61 10.01 -6.23
CA GLY B 37 -19.76 8.61 -6.58
C GLY B 37 -19.25 7.67 -5.51
N GLU B 38 -19.23 6.38 -5.84
CA GLU B 38 -18.75 5.34 -4.94
C GLU B 38 -17.32 5.64 -4.47
N ALA B 39 -17.15 5.85 -3.16
CA ALA B 39 -15.83 6.08 -2.57
C ALA B 39 -15.14 4.76 -2.25
N LEU B 40 -14.42 4.21 -3.23
CA LEU B 40 -13.80 2.89 -3.11
C LEU B 40 -12.27 2.95 -3.06
N SER B 41 -11.74 3.91 -2.31
CA SER B 41 -10.32 3.99 -2.02
C SER B 41 -10.21 4.64 -0.66
N ARG B 42 -9.11 4.38 0.06
CA ARG B 42 -8.87 5.09 1.30
C ARG B 42 -8.85 6.58 0.99
N PRO B 43 -9.58 7.37 1.81
CA PRO B 43 -9.45 8.83 1.72
C PRO B 43 -7.99 9.20 1.95
N VAL B 44 -7.49 10.24 1.27
CA VAL B 44 -6.11 10.66 1.51
C VAL B 44 -6.09 12.10 2.04
N VAL B 45 -5.47 12.30 3.21
CA VAL B 45 -5.53 13.61 3.85
C VAL B 45 -4.23 14.40 3.69
N SER B 46 -4.33 15.67 3.29
CA SER B 46 -3.17 16.55 3.18
C SER B 46 -3.58 18.02 3.16
N ASP B 47 -2.87 18.83 3.95
CA ASP B 47 -3.12 20.27 4.03
C ASP B 47 -4.59 20.61 4.36
N GLY B 48 -5.14 19.95 5.37
CA GLY B 48 -6.51 20.23 5.79
C GLY B 48 -7.59 19.75 4.82
N LEU B 49 -7.21 18.97 3.81
CA LEU B 49 -8.18 18.45 2.82
C LEU B 49 -8.23 16.92 2.81
N VAL B 50 -9.44 16.38 2.60
CA VAL B 50 -9.66 14.95 2.52
C VAL B 50 -9.98 14.63 1.05
N LEU B 51 -9.06 13.94 0.38
CA LEU B 51 -9.18 13.65 -1.04
C LEU B 51 -9.90 12.32 -1.24
N ILE B 52 -10.91 12.35 -2.11
CA ILE B 52 -11.78 11.23 -2.41
C ILE B 52 -11.76 10.97 -3.93
N HIS B 53 -11.27 9.80 -4.32
CA HIS B 53 -11.31 9.37 -5.72
C HIS B 53 -12.49 8.39 -5.88
N THR B 54 -13.42 8.70 -6.78
CA THR B 54 -14.62 7.89 -6.97
C THR B 54 -14.54 6.94 -8.17
N SER B 55 -15.35 5.87 -8.16
CA SER B 55 -15.44 4.94 -9.29
C SER B 55 -15.95 5.68 -10.52
N ASN B 56 -16.70 6.73 -10.24
CA ASN B 56 -17.23 7.69 -11.21
C ASN B 56 -16.12 8.42 -12.00
N GLY B 57 -14.89 8.35 -11.53
CA GLY B 57 -13.78 9.05 -12.18
C GLY B 57 -13.69 10.49 -11.75
N GLN B 58 -14.26 10.81 -10.59
CA GLN B 58 -14.23 12.16 -10.06
C GLN B 58 -13.18 12.22 -8.97
N LEU B 59 -12.63 13.41 -8.74
CA LEU B 59 -11.72 13.61 -7.63
C LEU B 59 -12.18 14.83 -6.84
N GLN B 60 -12.55 14.63 -5.59
CA GLN B 60 -13.08 15.72 -4.78
C GLN B 60 -12.22 15.95 -3.57
N ALA B 61 -12.15 17.20 -3.13
CA ALA B 61 -11.42 17.55 -1.89
C ALA B 61 -12.39 18.13 -0.88
N LEU B 62 -12.45 17.53 0.31
CA LEU B 62 -13.40 17.98 1.33
C LEU B 62 -12.65 18.63 2.49
N ASN B 63 -13.17 19.75 3.00
CA ASN B 63 -12.57 20.40 4.16
C ASN B 63 -12.57 19.47 5.38
N GLU B 64 -11.42 19.38 6.04
CA GLU B 64 -11.19 18.51 7.20
C GLU B 64 -12.09 18.89 8.39
N ALA B 65 -12.39 20.18 8.50
CA ALA B 65 -13.14 20.69 9.65
C ALA B 65 -14.65 20.48 9.56
N ASP B 66 -15.23 20.72 8.39
CA ASP B 66 -16.70 20.66 8.25
C ASP B 66 -17.20 19.71 7.15
N GLY B 67 -16.28 19.17 6.36
CA GLY B 67 -16.66 18.24 5.30
C GLY B 67 -17.18 18.84 4.02
N ALA B 68 -17.20 20.17 3.93
CA ALA B 68 -17.67 20.84 2.71
C ALA B 68 -16.76 20.54 1.52
N VAL B 69 -17.34 20.38 0.33
CA VAL B 69 -16.57 20.12 -0.87
C VAL B 69 -15.87 21.38 -1.37
N LYS B 70 -14.53 21.39 -1.32
CA LYS B 70 -13.78 22.56 -1.77
C LYS B 70 -13.69 22.59 -3.29
N TRP B 71 -13.34 21.46 -3.89
CA TRP B 71 -13.31 21.33 -5.33
C TRP B 71 -13.59 19.93 -5.83
N THR B 72 -14.08 19.87 -7.07
CA THR B 72 -14.42 18.64 -7.76
C THR B 72 -13.87 18.69 -9.17
N VAL B 73 -13.12 17.66 -9.57
CA VAL B 73 -12.54 17.62 -10.91
C VAL B 73 -12.85 16.31 -11.64
N ASN B 74 -13.02 16.41 -12.96
CA ASN B 74 -13.07 15.29 -13.91
C ASN B 74 -14.47 14.70 -14.13
N ASP C 1 -7.18 -6.12 3.23
CA ASP C 1 -5.93 -5.56 3.74
C ASP C 1 -5.02 -6.67 4.25
N THR C 2 -4.10 -7.10 3.40
CA THR C 2 -3.34 -8.32 3.67
C THR C 2 -1.84 -8.09 3.89
N THR C 3 -1.36 -6.88 3.60
CA THR C 3 0.01 -6.50 3.94
C THR C 3 0.13 -6.15 5.43
N PRO C 4 1.03 -6.85 6.15
CA PRO C 4 1.18 -6.65 7.61
C PRO C 4 1.74 -5.28 7.95
N VAL C 5 1.36 -4.72 9.10
CA VAL C 5 1.92 -3.43 9.51
C VAL C 5 2.71 -3.60 10.80
N VAL C 6 3.80 -2.85 10.95
CA VAL C 6 4.71 -3.01 12.07
C VAL C 6 4.91 -1.68 12.74
N VAL C 7 4.55 -1.60 14.02
CA VAL C 7 4.87 -0.40 14.79
C VAL C 7 5.39 -0.74 16.20
N ASN C 8 6.64 -0.33 16.44
CA ASN C 8 7.30 -0.51 17.73
C ASN C 8 7.44 -1.96 18.18
N GLY C 9 7.95 -2.80 17.29
CA GLY C 9 8.24 -4.19 17.61
C GLY C 9 7.02 -5.10 17.61
N VAL C 10 5.87 -4.55 17.24
CA VAL C 10 4.60 -5.31 17.23
C VAL C 10 4.02 -5.38 15.81
N VAL C 11 3.64 -6.58 15.38
CA VAL C 11 3.06 -6.79 14.05
C VAL C 11 1.55 -6.93 14.15
N PHE C 12 0.84 -6.15 13.34
CA PHE C 12 -0.61 -6.24 13.24
C PHE C 12 -0.96 -6.79 11.88
N ALA C 13 -1.74 -7.87 11.90
CA ALA C 13 -2.08 -8.60 10.69
C ALA C 13 -3.55 -9.00 10.71
N LEU C 14 -4.17 -8.96 9.54
CA LEU C 14 -5.59 -9.26 9.40
C LEU C 14 -5.76 -10.50 8.54
N ALA C 15 -6.52 -11.48 9.06
CA ALA C 15 -6.88 -12.66 8.27
C ALA C 15 -8.17 -12.37 7.50
N TYR C 16 -8.47 -13.20 6.50
CA TYR C 16 -9.66 -13.01 5.69
C TYR C 16 -10.93 -13.19 6.53
N ASN C 17 -10.84 -14.04 7.55
CA ASN C 17 -12.00 -14.39 8.36
C ASN C 17 -12.27 -13.35 9.45
N GLY C 18 -11.65 -12.19 9.32
CA GLY C 18 -11.87 -11.09 10.25
C GLY C 18 -11.08 -11.20 11.54
N ASN C 19 -10.22 -12.22 11.64
CA ASN C 19 -9.32 -12.31 12.78
C ASN C 19 -8.22 -11.24 12.71
N LEU C 20 -8.12 -10.40 13.73
CA LEU C 20 -7.05 -9.40 13.80
C LEU C 20 -6.06 -9.79 14.89
N THR C 21 -4.79 -9.95 14.51
CA THR C 21 -3.78 -10.44 15.47
C THR C 21 -2.60 -9.47 15.64
N ALA C 22 -2.24 -9.23 16.90
CA ALA C 22 -1.02 -8.49 17.28
C ALA C 22 0.02 -9.45 17.88
N LEU C 23 1.18 -9.49 17.23
CA LEU C 23 2.26 -10.43 17.52
C LEU C 23 3.55 -9.69 17.90
N ASP C 24 4.39 -10.32 18.71
CA ASP C 24 5.73 -9.78 18.93
C ASP C 24 6.54 -10.08 17.67
N LEU C 25 7.13 -9.05 17.07
CA LEU C 25 7.83 -9.22 15.79
C LEU C 25 8.99 -10.22 15.89
N ARG C 26 9.70 -10.19 17.00
CA ARG C 26 10.91 -10.99 17.18
C ARG C 26 10.63 -12.49 17.35
N SER C 27 9.63 -12.82 18.17
CA SER C 27 9.35 -14.21 18.54
C SER C 27 8.16 -14.78 17.80
N GLY C 28 7.21 -13.92 17.44
CA GLY C 28 5.98 -14.36 16.81
C GLY C 28 4.92 -14.68 17.84
N GLN C 29 5.28 -14.56 19.12
CA GLN C 29 4.33 -14.82 20.19
C GLN C 29 3.17 -13.82 20.10
N ILE C 30 1.96 -14.35 20.17
CA ILE C 30 0.76 -13.52 20.08
C ILE C 30 0.56 -12.68 21.34
N MET C 31 0.52 -11.36 21.17
CA MET C 31 0.21 -10.46 22.27
C MET C 31 -1.30 -10.38 22.48
N TRP C 32 -2.04 -10.24 21.38
CA TRP C 32 -3.51 -10.34 21.46
C TRP C 32 -4.17 -10.70 20.15
N LYS C 33 -5.39 -11.21 20.23
CA LYS C 33 -6.16 -11.54 19.05
C LYS C 33 -7.62 -11.18 19.26
N ARG C 34 -8.24 -10.59 18.24
CA ARG C 34 -9.67 -10.35 18.28
C ARG C 34 -10.34 -11.07 17.13
N GLU C 35 -11.41 -11.78 17.44
CA GLU C 35 -12.22 -12.41 16.42
C GLU C 35 -13.31 -11.44 16.03
N LEU C 36 -13.17 -10.87 14.84
CA LEU C 36 -14.16 -9.93 14.31
C LEU C 36 -14.84 -10.55 13.10
N GLY C 37 -15.69 -9.79 12.44
CA GLY C 37 -16.37 -10.31 11.26
C GLY C 37 -16.36 -9.34 10.11
N SER C 38 -15.86 -9.78 8.96
CA SER C 38 -15.89 -9.02 7.71
C SER C 38 -15.10 -7.71 7.73
N VAL C 39 -14.05 -7.63 8.56
CA VAL C 39 -13.18 -6.46 8.58
C VAL C 39 -12.51 -6.27 7.23
N ASN C 40 -12.73 -5.12 6.60
CA ASN C 40 -12.13 -4.87 5.28
C ASN C 40 -10.82 -4.07 5.31
N ASP C 41 -10.63 -3.30 6.37
CA ASP C 41 -9.46 -2.42 6.47
C ASP C 41 -9.23 -2.01 7.92
N PHE C 42 -7.98 -1.66 8.23
CA PHE C 42 -7.62 -1.14 9.54
C PHE C 42 -6.42 -0.21 9.41
N ILE C 43 -6.19 0.61 10.42
CA ILE C 43 -5.02 1.46 10.46
C ILE C 43 -4.61 1.64 11.91
N VAL C 44 -3.30 1.70 12.15
CA VAL C 44 -2.77 1.95 13.49
C VAL C 44 -2.36 3.42 13.59
N ASP C 45 -2.78 4.11 14.65
CA ASP C 45 -2.44 5.52 14.81
C ASP C 45 -2.35 5.90 16.28
N GLY C 46 -1.16 6.25 16.72
CA GLY C 46 -0.92 6.62 18.11
C GLY C 46 -1.18 5.47 19.06
N ASN C 47 -2.20 5.63 19.89
CA ASN C 47 -2.51 4.63 20.90
C ASN C 47 -3.67 3.71 20.52
N ARG C 48 -4.19 3.85 19.29
CA ARG C 48 -5.37 3.06 18.87
C ARG C 48 -5.23 2.36 17.52
N ILE C 49 -6.03 1.32 17.32
CA ILE C 49 -6.28 0.75 16.00
C ILE C 49 -7.70 1.06 15.59
N TYR C 50 -7.88 1.55 14.37
CA TYR C 50 -9.21 1.85 13.86
C TYR C 50 -9.56 0.88 12.75
N LEU C 51 -10.72 0.24 12.87
CA LEU C 51 -11.16 -0.75 11.89
C LEU C 51 -12.52 -0.39 11.31
N VAL C 52 -12.81 -0.95 10.15
CA VAL C 52 -14.15 -0.90 9.59
C VAL C 52 -14.46 -2.22 8.86
N ASP C 53 -15.73 -2.61 8.81
CA ASP C 53 -16.17 -3.77 8.05
C ASP C 53 -17.06 -3.38 6.86
N GLN C 54 -17.63 -4.37 6.19
CA GLN C 54 -18.48 -4.10 5.02
C GLN C 54 -19.77 -3.37 5.39
N ASN C 55 -20.19 -3.49 6.65
CA ASN C 55 -21.40 -2.82 7.13
C ASN C 55 -21.14 -1.37 7.56
N ASP C 56 -19.96 -0.86 7.25
CA ASP C 56 -19.53 0.49 7.66
C ASP C 56 -19.57 0.68 9.17
N ARG C 57 -19.46 -0.41 9.91
CA ARG C 57 -19.27 -0.36 11.35
C ARG C 57 -17.79 -0.02 11.63
N VAL C 58 -17.55 1.02 12.41
CA VAL C 58 -16.19 1.45 12.71
C VAL C 58 -15.87 1.21 14.18
N MET C 59 -14.73 0.61 14.46
CA MET C 59 -14.33 0.36 15.85
C MET C 59 -12.98 0.99 16.13
N ALA C 60 -12.75 1.33 17.40
CA ALA C 60 -11.40 1.60 17.88
C ALA C 60 -11.02 0.62 18.99
N LEU C 61 -9.77 0.17 18.96
CA LEU C 61 -9.27 -0.75 19.98
C LEU C 61 -7.95 -0.19 20.54
N THR C 62 -7.59 -0.61 21.75
CA THR C 62 -6.27 -0.29 22.30
C THR C 62 -5.19 -1.01 21.49
N ILE C 63 -4.06 -0.34 21.28
CA ILE C 63 -2.93 -0.95 20.59
C ILE C 63 -2.27 -2.03 21.46
N ASP C 64 -2.47 -1.93 22.76
CA ASP C 64 -1.86 -2.81 23.76
C ASP C 64 -2.59 -4.15 23.92
N GLY C 65 -3.91 -4.12 24.08
CA GLY C 65 -4.66 -5.33 24.35
C GLY C 65 -5.80 -5.63 23.39
N GLY C 66 -5.95 -4.82 22.35
CA GLY C 66 -7.06 -4.98 21.43
C GLY C 66 -8.40 -4.85 22.14
N VAL C 67 -8.43 -4.03 23.18
CA VAL C 67 -9.67 -3.82 23.93
C VAL C 67 -10.49 -2.70 23.30
N THR C 68 -11.79 -2.98 23.09
CA THR C 68 -12.68 -2.02 22.45
C THR C 68 -12.82 -0.70 23.24
N LEU C 69 -12.48 0.40 22.58
CA LEU C 69 -12.62 1.72 23.18
C LEU C 69 -13.98 2.30 22.82
N TRP C 70 -14.35 2.18 21.55
CA TRP C 70 -15.66 2.59 21.07
C TRP C 70 -16.07 1.91 19.77
N THR C 71 -17.38 1.94 19.53
CA THR C 71 -17.99 1.32 18.36
C THR C 71 -19.03 2.27 17.76
N GLN C 72 -18.99 2.46 16.45
CA GLN C 72 -19.95 3.30 15.72
C GLN C 72 -20.61 2.49 14.60
N SER C 73 -21.92 2.32 14.66
CA SER C 73 -22.61 1.40 13.75
C SER C 73 -23.89 1.96 13.15
N ASP C 74 -24.19 3.22 13.46
CA ASP C 74 -25.42 3.84 12.99
C ASP C 74 -25.19 4.69 11.73
N LEU C 75 -24.03 4.50 11.10
CA LEU C 75 -23.69 5.18 9.87
C LEU C 75 -24.66 4.82 8.74
N VAL D 1 -3.90 -1.78 -11.19
CA VAL D 1 -3.96 -0.32 -11.15
C VAL D 1 -4.50 0.18 -9.83
N ASP D 2 -3.70 0.97 -9.12
CA ASP D 2 -4.18 1.56 -7.86
C ASP D 2 -4.78 2.94 -8.10
N THR D 3 -6.03 3.10 -7.69
CA THR D 3 -6.79 4.32 -7.95
C THR D 3 -6.64 5.40 -6.86
N THR D 4 -6.17 5.01 -5.68
CA THR D 4 -6.00 5.98 -4.59
C THR D 4 -4.91 7.03 -4.85
N PRO D 5 -5.24 8.31 -4.58
CA PRO D 5 -4.35 9.42 -4.91
C PRO D 5 -3.11 9.48 -4.02
N VAL D 6 -2.06 10.11 -4.53
CA VAL D 6 -0.84 10.29 -3.76
C VAL D 6 -0.52 11.77 -3.71
N VAL D 7 -0.15 12.31 -2.55
CA VAL D 7 0.16 13.73 -2.47
C VAL D 7 1.62 13.96 -2.13
N VAL D 8 2.30 14.75 -2.97
CA VAL D 8 3.69 15.10 -2.71
C VAL D 8 3.93 16.55 -3.09
N ASN D 9 4.45 17.32 -2.13
CA ASN D 9 4.79 18.74 -2.35
C ASN D 9 3.61 19.59 -2.82
N GLY D 10 2.42 19.32 -2.29
CA GLY D 10 1.25 20.06 -2.70
C GLY D 10 0.78 19.68 -4.10
N VAL D 11 1.28 18.57 -4.63
CA VAL D 11 0.83 18.05 -5.92
C VAL D 11 0.10 16.71 -5.73
N VAL D 12 -1.11 16.61 -6.28
CA VAL D 12 -1.88 15.35 -6.22
C VAL D 12 -1.71 14.54 -7.50
N PHE D 13 -1.42 13.25 -7.34
CA PHE D 13 -1.31 12.33 -8.47
C PHE D 13 -2.42 11.30 -8.42
N ALA D 14 -3.12 11.15 -9.54
CA ALA D 14 -4.20 10.17 -9.63
C ALA D 14 -4.13 9.38 -10.93
N LEU D 15 -4.12 8.07 -10.80
CA LEU D 15 -4.12 7.17 -11.95
C LEU D 15 -5.54 6.65 -12.16
N ALA D 16 -6.04 6.75 -13.39
CA ALA D 16 -7.37 6.24 -13.70
C ALA D 16 -7.28 4.77 -14.13
N TYR D 17 -8.44 4.14 -14.26
CA TYR D 17 -8.52 2.73 -14.64
C TYR D 17 -7.83 2.44 -15.98
N ASN D 18 -7.87 3.42 -16.88
CA ASN D 18 -7.36 3.24 -18.24
C ASN D 18 -5.86 3.55 -18.37
N GLY D 19 -5.20 3.85 -17.26
CA GLY D 19 -3.79 4.18 -17.33
C GLY D 19 -3.51 5.64 -17.65
N ASN D 20 -4.51 6.50 -17.48
CA ASN D 20 -4.30 7.94 -17.62
C ASN D 20 -3.86 8.55 -16.29
N LEU D 21 -2.78 9.33 -16.31
CA LEU D 21 -2.25 9.93 -15.09
C LEU D 21 -2.52 11.44 -15.05
N THR D 22 -3.03 11.93 -13.92
CA THR D 22 -3.26 13.35 -13.78
C THR D 22 -2.52 13.92 -12.56
N ALA D 23 -1.93 15.09 -12.75
CA ALA D 23 -1.29 15.84 -11.67
C ALA D 23 -2.03 17.16 -11.49
N LEU D 24 -2.54 17.35 -10.25
CA LEU D 24 -3.35 18.51 -9.89
C LEU D 24 -2.74 19.31 -8.75
N ASP D 25 -2.98 20.62 -8.74
CA ASP D 25 -2.64 21.45 -7.60
C ASP D 25 -3.56 21.08 -6.44
N LEU D 26 -2.97 20.74 -5.29
CA LEU D 26 -3.75 20.24 -4.14
C LEU D 26 -4.76 21.24 -3.60
N ARG D 27 -4.38 22.52 -3.54
CA ARG D 27 -5.22 23.55 -2.94
C ARG D 27 -6.42 23.92 -3.80
N SER D 28 -6.22 24.02 -5.12
CA SER D 28 -7.26 24.51 -6.04
C SER D 28 -7.95 23.41 -6.84
N GLY D 29 -7.31 22.25 -6.95
CA GLY D 29 -7.82 21.21 -7.82
C GLY D 29 -7.48 21.48 -9.27
N GLN D 30 -6.73 22.54 -9.49
CA GLN D 30 -6.34 22.95 -10.85
C GLN D 30 -5.39 21.93 -11.47
N ILE D 31 -5.73 21.45 -12.67
CA ILE D 31 -4.92 20.45 -13.35
C ILE D 31 -3.59 21.03 -13.83
N MET D 32 -2.49 20.44 -13.35
CA MET D 32 -1.17 20.89 -13.75
C MET D 32 -0.78 20.20 -15.04
N TRP D 33 -0.89 18.88 -15.06
CA TRP D 33 -0.62 18.17 -16.31
C TRP D 33 -1.29 16.80 -16.40
N LYS D 34 -1.49 16.31 -17.62
CA LYS D 34 -2.11 15.01 -17.81
C LYS D 34 -1.37 14.21 -18.86
N ARG D 35 -1.20 12.92 -18.62
CA ARG D 35 -0.59 12.03 -19.59
C ARG D 35 -1.53 10.87 -19.86
N GLU D 36 -2.09 10.86 -21.06
CA GLU D 36 -2.98 9.79 -21.48
C GLU D 36 -2.15 8.79 -22.28
N LEU D 37 -0.92 8.60 -21.81
CA LEU D 37 0.06 7.73 -22.44
C LEU D 37 0.00 6.32 -21.86
N GLY D 38 0.09 5.34 -22.75
CA GLY D 38 0.25 3.94 -22.37
C GLY D 38 -0.70 3.34 -21.34
N SER D 39 -0.41 2.10 -20.97
CA SER D 39 -1.11 1.46 -19.89
C SER D 39 -0.25 1.51 -18.64
N VAL D 40 -0.08 2.69 -18.07
CA VAL D 40 0.67 2.81 -16.82
C VAL D 40 -0.12 2.16 -15.69
N ASN D 41 0.57 1.34 -14.90
CA ASN D 41 -0.07 0.52 -13.88
C ASN D 41 0.32 0.93 -12.47
N ASP D 42 1.49 1.54 -12.36
CA ASP D 42 2.08 1.83 -11.06
C ASP D 42 2.98 3.04 -11.19
N PHE D 43 3.18 3.74 -10.09
CA PHE D 43 4.20 4.79 -10.03
C PHE D 43 4.73 4.93 -8.61
N ILE D 44 5.89 5.54 -8.48
CA ILE D 44 6.41 5.92 -7.18
C ILE D 44 7.03 7.30 -7.34
N VAL D 45 6.90 8.11 -6.30
CA VAL D 45 7.39 9.48 -6.31
C VAL D 45 8.58 9.62 -5.37
N ASP D 46 9.55 10.47 -5.71
CA ASP D 46 10.58 10.87 -4.74
C ASP D 46 10.60 12.38 -4.51
N GLY D 47 11.77 12.99 -4.67
CA GLY D 47 11.90 14.43 -4.53
C GLY D 47 11.28 15.21 -5.68
N ASN D 48 11.91 15.20 -6.84
CA ASN D 48 11.39 15.96 -7.97
C ASN D 48 10.86 15.09 -9.10
N ARG D 49 10.92 13.78 -8.93
CA ARG D 49 10.57 12.86 -10.02
C ARG D 49 9.46 11.88 -9.67
N ILE D 50 8.70 11.50 -10.69
CA ILE D 50 7.75 10.40 -10.57
C ILE D 50 8.13 9.32 -11.57
N TYR D 51 8.25 8.09 -11.11
CA TYR D 51 8.62 6.97 -11.96
C TYR D 51 7.41 6.09 -12.29
N LEU D 52 7.08 6.00 -13.58
CA LEU D 52 5.95 5.22 -14.06
C LEU D 52 6.42 3.89 -14.65
N VAL D 53 5.67 2.82 -14.36
CA VAL D 53 5.87 1.53 -15.04
C VAL D 53 4.60 1.11 -15.78
N ASP D 54 4.76 0.54 -16.96
CA ASP D 54 3.62 0.12 -17.78
C ASP D 54 3.37 -1.38 -17.69
N GLN D 55 2.46 -1.88 -18.53
CA GLN D 55 2.17 -3.31 -18.60
C GLN D 55 3.37 -4.12 -19.09
N ASN D 56 4.17 -3.52 -19.98
CA ASN D 56 5.34 -4.18 -20.56
C ASN D 56 6.63 -4.06 -19.73
N ASP D 57 6.49 -3.50 -18.52
CA ASP D 57 7.61 -3.25 -17.58
C ASP D 57 8.59 -2.16 -18.04
N ARG D 58 8.13 -1.30 -18.92
CA ARG D 58 8.89 -0.14 -19.37
C ARG D 58 8.86 0.90 -18.25
N VAL D 59 9.98 1.59 -18.03
CA VAL D 59 10.03 2.61 -16.99
C VAL D 59 10.27 4.00 -17.57
N MET D 60 9.44 4.97 -17.17
CA MET D 60 9.64 6.38 -17.56
C MET D 60 9.79 7.25 -16.32
N ALA D 61 10.77 8.15 -16.33
CA ALA D 61 10.93 9.12 -15.26
C ALA D 61 10.44 10.49 -15.73
N LEU D 62 9.51 11.10 -14.99
CA LEU D 62 8.98 12.42 -15.34
C LEU D 62 9.20 13.38 -14.18
N THR D 63 9.27 14.68 -14.47
CA THR D 63 9.37 15.65 -13.37
C THR D 63 7.98 15.78 -12.75
N ILE D 64 7.93 15.92 -11.43
CA ILE D 64 6.67 16.10 -10.70
C ILE D 64 5.97 17.41 -11.10
N ASP D 65 6.73 18.50 -11.17
CA ASP D 65 6.14 19.82 -11.39
C ASP D 65 5.63 20.04 -12.81
N GLY D 66 6.37 19.52 -13.80
CA GLY D 66 6.01 19.77 -15.18
C GLY D 66 5.57 18.57 -16.00
N GLY D 67 5.73 17.36 -15.47
CA GLY D 67 5.42 16.16 -16.25
C GLY D 67 6.33 16.04 -17.47
N VAL D 68 7.59 16.44 -17.29
CA VAL D 68 8.57 16.38 -18.37
C VAL D 68 9.33 15.05 -18.32
N THR D 69 9.29 14.29 -19.41
CA THR D 69 10.01 13.01 -19.50
C THR D 69 11.54 13.20 -19.55
N LEU D 70 12.22 12.70 -18.52
CA LEU D 70 13.67 12.85 -18.39
C LEU D 70 14.37 11.67 -19.06
N TRP D 71 13.77 10.50 -18.89
CA TRP D 71 14.26 9.30 -19.57
C TRP D 71 13.23 8.20 -19.60
N THR D 72 13.48 7.23 -20.47
CA THR D 72 12.67 6.03 -20.59
C THR D 72 13.65 4.87 -20.78
N GLN D 73 13.31 3.70 -20.27
CA GLN D 73 14.10 2.50 -20.54
C GLN D 73 13.17 1.30 -20.69
N SER D 74 13.54 0.40 -21.61
CA SER D 74 12.69 -0.76 -21.93
C SER D 74 13.50 -2.05 -22.09
NA NA E . -4.83 8.34 17.35
#